data_2V8K
#
_entry.id   2V8K
#
_cell.length_a   58.486
_cell.length_b   95.642
_cell.length_c   126.608
_cell.angle_alpha   90.00
_cell.angle_beta   90.00
_cell.angle_gamma   90.00
#
_symmetry.space_group_name_H-M   'P 21 21 21'
#
loop_
_entity.id
_entity.type
_entity.pdbx_description
1 polymer 'PECTATE LYASE'
2 branched 'beta-D-galactopyranuronic acid-(1-4)-alpha-D-galactopyranuronic acid-(1-4)-alpha-D-galactopyranuronic acid'
3 water water
#
_entity_poly.entity_id   1
_entity_poly.type   'polypeptide(L)'
_entity_poly.pdbx_seq_one_letter_code
;DRLTVVKQYVDNVLNKASDTYHGDKPSPLLADGVDPRTGQQLEWIFPDGRRAVLSNFSAQQNLMRVMSGLSQLSGDPRYQ
KRAEDIVRYHFQNYQDPSGLLYWGGHRFVDLKTLQPEGPSEKEMVHELKNAYPYYDLMFSVDSDATARFIRGFWNAHVYD
WRILETSRHGEYGKPMGALWESKFEQQPPFFATKGLSFLNAGNDLIYSASLLYKHQQDQGALTWAKRLADQYVLPRDAKT
GLGVYQFTQALKREEPTDDADTHSKFGDRAQRQFGPEFGPTALEGNMMLKGRTSTLYSENALMQLQLGKDLGPQGQDLLK
WTVDGLKAFAKYAYNDQDNTFRPMIANGQDLSNYTLPRDGYYGKKGTVLKPYKAGNEFLISYARAYAIDNDPLLWKVARG
IANDQGLGDIGTAPGKEVKVNMDTTNSDPYALFALLDLYHASQVADYRKLAEKIGDNIIKIRYIDGFFMASSDRQYADVD
AIEPYALLALEASLRNKPQAVAPFLNGAGFTEGAYRMDDGSARVSTRDNELFLLNVGEKLQPN
;
_entity_poly.pdbx_strand_id   A
#
loop_
_chem_comp.id
_chem_comp.type
_chem_comp.name
_chem_comp.formula
ADA D-saccharide, alpha linking 'alpha-D-galactopyranuronic acid' 'C6 H10 O7'
GTR D-saccharide, beta linking 'beta-D-galactopyranuronic acid' 'C6 H10 O7'
#
# COMPACT_ATOMS: atom_id res chain seq x y z
N ASP A 1 21.14 -0.86 -20.95
CA ASP A 1 20.06 -1.88 -21.11
C ASP A 1 19.34 -2.05 -19.76
N ARG A 2 18.04 -1.77 -19.75
CA ARG A 2 17.29 -1.78 -18.49
C ARG A 2 17.13 -3.17 -17.85
N LEU A 3 17.02 -4.22 -18.67
CA LEU A 3 16.91 -5.60 -18.15
C LEU A 3 18.21 -6.09 -17.51
N THR A 4 19.34 -5.75 -18.13
CA THR A 4 20.68 -5.94 -17.55
C THR A 4 20.85 -5.27 -16.18
N VAL A 5 20.42 -4.01 -16.09
CA VAL A 5 20.43 -3.26 -14.81
C VAL A 5 19.60 -3.97 -13.72
N VAL A 6 18.37 -4.38 -14.04
CA VAL A 6 17.53 -5.07 -13.04
C VAL A 6 18.14 -6.42 -12.63
N LYS A 7 18.69 -7.15 -13.60
CA LYS A 7 19.35 -8.42 -13.32
C LYS A 7 20.52 -8.24 -12.35
N GLN A 8 21.41 -7.29 -12.62
CA GLN A 8 22.50 -7.01 -11.67
C GLN A 8 21.99 -6.52 -10.31
N TYR A 9 20.93 -5.71 -10.31
CA TYR A 9 20.33 -5.30 -9.05
C TYR A 9 19.85 -6.49 -8.19
N VAL A 10 19.13 -7.44 -8.79
CA VAL A 10 18.60 -8.58 -8.03
C VAL A 10 19.73 -9.51 -7.59
N ASP A 11 20.81 -9.55 -8.38
CA ASP A 11 22.02 -10.32 -8.03
C ASP A 11 22.67 -9.71 -6.79
N ASN A 12 22.75 -8.39 -6.75
CA ASN A 12 23.25 -7.64 -5.60
C ASN A 12 22.43 -7.89 -4.33
N VAL A 13 21.11 -7.77 -4.47
CA VAL A 13 20.17 -8.14 -3.39
C VAL A 13 20.46 -9.55 -2.86
N LEU A 14 20.54 -10.53 -3.77
CA LEU A 14 20.74 -11.92 -3.34
C LEU A 14 22.13 -12.19 -2.75
N ASN A 15 23.07 -11.29 -3.05
CA ASN A 15 24.35 -11.28 -2.38
C ASN A 15 24.33 -10.56 -1.02
N LYS A 16 23.95 -9.28 -1.03
CA LYS A 16 24.12 -8.40 0.13
C LYS A 16 23.01 -8.51 1.19
N ALA A 17 21.81 -8.88 0.76
CA ALA A 17 20.64 -9.04 1.63
C ALA A 17 20.42 -10.47 2.14
N SER A 18 21.31 -11.39 1.78
CA SER A 18 21.15 -12.79 2.13
C SER A 18 21.57 -13.14 3.56
N ASP A 19 21.14 -14.33 3.99
CA ASP A 19 21.46 -14.88 5.30
C ASP A 19 22.95 -15.22 5.39
N THR A 20 23.69 -14.39 6.15
CA THR A 20 25.15 -14.56 6.33
C THR A 20 25.49 -15.08 7.74
N TYR A 21 24.49 -15.57 8.45
CA TYR A 21 24.64 -15.89 9.87
C TYR A 21 24.63 -17.37 10.18
N HIS A 22 24.51 -18.21 9.15
CA HIS A 22 24.39 -19.65 9.37
C HIS A 22 25.40 -20.47 8.56
N GLY A 23 26.52 -19.83 8.25
CA GLY A 23 27.63 -20.47 7.54
C GLY A 23 27.35 -20.77 6.09
N ASP A 24 27.53 -22.04 5.72
CA ASP A 24 27.25 -22.52 4.38
C ASP A 24 25.94 -23.33 4.39
N LYS A 25 25.13 -23.09 5.43
CA LYS A 25 23.75 -23.55 5.48
C LYS A 25 22.77 -22.37 5.68
N PRO A 26 22.75 -21.41 4.73
CA PRO A 26 21.88 -20.23 4.94
C PRO A 26 20.40 -20.57 4.69
N SER A 27 19.50 -19.82 5.34
CA SER A 27 18.09 -19.81 4.93
C SER A 27 18.01 -19.04 3.59
N PRO A 28 16.88 -19.17 2.85
CA PRO A 28 16.73 -18.34 1.65
C PRO A 28 16.24 -16.91 1.93
N LEU A 29 16.06 -16.57 3.20
CA LEU A 29 15.48 -15.29 3.58
C LEU A 29 16.38 -14.09 3.32
N LEU A 30 15.77 -12.91 3.26
CA LEU A 30 16.45 -11.69 2.84
C LEU A 30 16.23 -10.58 3.86
N ALA A 31 17.26 -9.75 4.05
CA ALA A 31 17.16 -8.54 4.84
C ALA A 31 16.37 -7.48 4.08
N ASP A 32 15.45 -6.80 4.76
CA ASP A 32 14.64 -5.70 4.17
C ASP A 32 15.45 -4.51 3.67
N GLY A 33 16.52 -4.19 4.40
CA GLY A 33 17.33 -3.03 4.10
C GLY A 33 18.82 -3.33 4.12
N VAL A 34 19.55 -2.68 3.22
CA VAL A 34 20.99 -2.84 3.12
C VAL A 34 21.54 -1.46 2.85
N ASP A 35 22.60 -1.10 3.58
CA ASP A 35 23.36 0.09 3.25
C ASP A 35 24.17 -0.32 2.03
N PRO A 36 23.90 0.30 0.87
CA PRO A 36 24.59 -0.14 -0.34
C PRO A 36 26.10 0.16 -0.38
N ARG A 37 26.54 1.09 0.47
CA ARG A 37 27.97 1.43 0.56
C ARG A 37 28.76 0.29 1.18
N THR A 38 28.22 -0.26 2.27
CA THR A 38 28.99 -1.16 3.12
C THR A 38 28.44 -2.58 3.18
N GLY A 39 27.19 -2.75 2.77
CA GLY A 39 26.53 -4.06 2.85
C GLY A 39 25.96 -4.36 4.22
N GLN A 40 25.98 -3.36 5.10
CA GLN A 40 25.38 -3.48 6.42
C GLN A 40 23.87 -3.62 6.28
N GLN A 41 23.35 -4.70 6.86
CA GLN A 41 21.92 -4.98 6.83
C GLN A 41 21.18 -4.22 7.92
N LEU A 42 20.01 -3.69 7.56
CA LEU A 42 19.16 -2.94 8.49
C LEU A 42 18.67 -3.79 9.68
N GLU A 43 18.79 -3.20 10.87
CA GLU A 43 18.48 -3.89 12.11
C GLU A 43 17.41 -3.19 12.94
N TRP A 44 16.62 -3.99 13.66
CA TRP A 44 15.76 -3.48 14.73
C TRP A 44 16.47 -3.57 16.08
N ILE A 45 16.50 -2.47 16.81
CA ILE A 45 17.12 -2.46 18.12
C ILE A 45 16.03 -2.50 19.19
N PHE A 46 15.95 -3.62 19.88
CA PHE A 46 14.96 -3.82 20.93
C PHE A 46 15.34 -3.05 22.19
N PRO A 47 14.33 -2.58 22.97
CA PRO A 47 14.45 -1.95 24.29
C PRO A 47 15.66 -2.37 25.12
N ASP A 48 15.95 -3.67 25.17
CA ASP A 48 17.09 -4.17 25.98
C ASP A 48 18.42 -4.28 25.22
N GLY A 49 18.52 -3.60 24.09
CA GLY A 49 19.79 -3.49 23.36
C GLY A 49 20.10 -4.56 22.33
N ARG A 50 19.25 -5.58 22.25
CA ARG A 50 19.47 -6.69 21.31
C ARG A 50 19.11 -6.28 19.88
N ARG A 51 20.00 -6.65 18.96
CA ARG A 51 19.85 -6.32 17.55
C ARG A 51 19.32 -7.51 16.73
N ALA A 52 18.25 -7.26 16.00
CA ALA A 52 17.70 -8.23 15.07
C ALA A 52 17.87 -7.67 13.66
N VAL A 53 18.22 -8.52 12.71
CA VAL A 53 18.21 -8.11 11.30
C VAL A 53 16.78 -8.29 10.78
N LEU A 54 16.19 -7.16 10.37
CA LEU A 54 14.81 -7.10 9.91
C LEU A 54 14.56 -7.85 8.58
N SER A 55 13.82 -8.96 8.70
CA SER A 55 13.31 -9.74 7.57
C SER A 55 11.77 -9.88 7.70
N ASN A 56 11.05 -8.97 7.06
CA ASN A 56 9.59 -8.92 7.09
C ASN A 56 9.08 -9.17 5.69
N PHE A 57 8.61 -10.40 5.46
CA PHE A 57 8.21 -10.88 4.13
C PHE A 57 7.07 -10.06 3.54
N SER A 58 6.25 -9.47 4.42
CA SER A 58 5.18 -8.55 3.98
C SER A 58 5.77 -7.29 3.34
N ALA A 59 7.02 -6.98 3.67
CA ALA A 59 7.73 -5.83 3.11
C ALA A 59 8.67 -6.22 1.98
N GLN A 60 8.46 -7.40 1.40
CA GLN A 60 9.27 -7.90 0.28
C GLN A 60 8.45 -8.36 -0.92
N GLN A 61 7.20 -7.92 -1.01
CA GLN A 61 6.27 -8.45 -2.02
C GLN A 61 6.33 -7.71 -3.37
N ASN A 62 6.96 -6.54 -3.40
CA ASN A 62 7.35 -5.91 -4.66
C ASN A 62 8.58 -6.60 -5.22
N LEU A 63 9.54 -6.91 -4.34
CA LEU A 63 10.70 -7.66 -4.74
C LEU A 63 10.29 -9.00 -5.32
N MET A 64 9.39 -9.71 -4.64
CA MET A 64 8.93 -11.00 -5.14
C MET A 64 8.40 -10.89 -6.56
N ARG A 65 7.62 -9.84 -6.83
CA ARG A 65 7.09 -9.58 -8.16
C ARG A 65 8.20 -9.25 -9.15
N VAL A 66 9.20 -8.50 -8.68
CA VAL A 66 10.37 -8.15 -9.48
C VAL A 66 11.16 -9.41 -9.87
N MET A 67 11.37 -10.30 -8.90
CA MET A 67 12.11 -11.53 -9.15
C MET A 67 11.37 -12.44 -10.15
N SER A 68 10.05 -12.58 -9.99
CA SER A 68 9.23 -13.30 -10.97
C SER A 68 9.25 -12.67 -12.36
N GLY A 69 9.11 -11.37 -12.42
CA GLY A 69 9.14 -10.63 -13.68
C GLY A 69 10.46 -10.73 -14.41
N LEU A 70 11.57 -10.62 -13.68
CA LEU A 70 12.92 -10.74 -14.23
C LEU A 70 13.22 -12.12 -14.85
N SER A 71 12.85 -13.19 -14.13
CA SER A 71 12.82 -14.56 -14.67
C SER A 71 12.04 -14.73 -15.96
N GLN A 72 10.82 -14.18 -16.00
CA GLN A 72 9.98 -14.25 -17.19
C GLN A 72 10.61 -13.59 -18.41
N LEU A 73 11.11 -12.37 -18.23
CA LEU A 73 11.60 -11.57 -19.35
C LEU A 73 12.99 -11.98 -19.81
N SER A 74 13.84 -12.40 -18.88
CA SER A 74 15.23 -12.78 -19.20
C SER A 74 15.37 -14.27 -19.53
N GLY A 75 14.43 -15.08 -19.05
CA GLY A 75 14.46 -16.53 -19.27
C GLY A 75 15.39 -17.26 -18.32
N ASP A 76 15.92 -16.55 -17.32
CA ASP A 76 16.78 -17.15 -16.32
C ASP A 76 15.92 -17.52 -15.11
N PRO A 77 15.73 -18.83 -14.88
CA PRO A 77 14.81 -19.24 -13.83
C PRO A 77 15.30 -19.12 -12.37
N ARG A 78 16.52 -18.64 -12.10
CA ARG A 78 17.02 -18.59 -10.71
C ARG A 78 16.26 -17.64 -9.76
N TYR A 79 15.70 -16.57 -10.30
CA TYR A 79 15.02 -15.55 -9.50
C TYR A 79 13.61 -16.00 -9.10
N GLN A 80 12.88 -16.58 -10.06
CA GLN A 80 11.62 -17.30 -9.77
C GLN A 80 11.82 -18.41 -8.73
N LYS A 81 12.84 -19.24 -8.94
CA LYS A 81 13.13 -20.34 -8.02
C LYS A 81 13.45 -19.86 -6.61
N ARG A 82 14.24 -18.78 -6.50
CA ARG A 82 14.57 -18.21 -5.18
C ARG A 82 13.37 -17.63 -4.46
N ALA A 83 12.51 -16.92 -5.21
CA ALA A 83 11.26 -16.38 -4.67
C ALA A 83 10.33 -17.50 -4.18
N GLU A 84 10.25 -18.59 -4.93
CA GLU A 84 9.49 -19.78 -4.54
C GLU A 84 10.05 -20.40 -3.27
N ASP A 85 11.38 -20.48 -3.18
CA ASP A 85 12.08 -20.99 -2.01
C ASP A 85 11.79 -20.16 -0.76
N ILE A 86 11.78 -18.83 -0.91
CA ILE A 86 11.41 -17.94 0.22
C ILE A 86 9.96 -18.18 0.69
N VAL A 87 9.01 -18.22 -0.24
CA VAL A 87 7.61 -18.56 0.05
C VAL A 87 7.48 -19.88 0.80
N ARG A 88 8.12 -20.91 0.26
CA ARG A 88 8.13 -22.25 0.86
C ARG A 88 8.65 -22.26 2.30
N TYR A 89 9.77 -21.56 2.54
CA TYR A 89 10.38 -21.49 3.88
C TYR A 89 9.46 -20.81 4.92
N HIS A 90 8.68 -19.82 4.47
CA HIS A 90 7.64 -19.18 5.33
C HIS A 90 6.46 -20.09 5.69
N PHE A 91 5.99 -20.90 4.73
CA PHE A 91 4.90 -21.84 5.04
C PHE A 91 5.43 -22.93 5.94
N GLN A 92 6.68 -23.34 5.71
CA GLN A 92 7.34 -24.38 6.47
C GLN A 92 7.61 -24.01 7.95
N ASN A 93 8.10 -22.79 8.18
CA ASN A 93 8.55 -22.38 9.52
C ASN A 93 7.78 -21.23 10.20
N TYR A 94 7.09 -20.39 9.40
CA TYR A 94 6.53 -19.13 9.95
C TYR A 94 5.04 -18.91 9.71
N GLN A 95 4.32 -20.01 9.57
CA GLN A 95 2.87 -19.97 9.49
C GLN A 95 2.32 -20.69 10.70
N ASP A 96 1.49 -20.02 11.49
CA ASP A 96 0.97 -20.64 12.69
C ASP A 96 -0.19 -21.60 12.34
N PRO A 97 -0.65 -22.42 13.31
CA PRO A 97 -1.78 -23.33 13.05
C PRO A 97 -3.06 -22.68 12.46
N SER A 98 -3.36 -21.45 12.85
CA SER A 98 -4.52 -20.71 12.28
C SER A 98 -4.33 -20.29 10.82
N GLY A 99 -3.11 -20.43 10.31
CA GLY A 99 -2.81 -20.05 8.92
C GLY A 99 -2.01 -18.76 8.77
N LEU A 100 -1.94 -17.96 9.84
CA LEU A 100 -1.36 -16.62 9.75
C LEU A 100 0.15 -16.67 9.72
N LEU A 101 0.77 -15.75 9.00
CA LEU A 101 2.22 -15.73 8.90
C LEU A 101 2.81 -14.75 9.90
N TYR A 102 4.05 -15.03 10.29
CA TYR A 102 4.81 -14.12 11.16
C TYR A 102 5.44 -13.06 10.27
N TRP A 103 4.57 -12.14 9.86
CA TRP A 103 4.92 -10.97 9.06
C TRP A 103 3.97 -9.84 9.43
N GLY A 104 4.08 -8.74 8.71
CA GLY A 104 3.14 -7.65 8.81
C GLY A 104 3.64 -6.55 9.74
N GLY A 105 2.72 -5.70 10.16
CA GLY A 105 3.07 -4.51 10.93
C GLY A 105 3.79 -4.78 12.25
N HIS A 106 3.53 -5.93 12.85
CA HIS A 106 4.03 -6.19 14.20
C HIS A 106 4.79 -7.50 14.40
N ARG A 107 5.09 -8.19 13.31
CA ARG A 107 5.86 -9.44 13.36
C ARG A 107 6.81 -9.50 12.18
N PHE A 108 8.00 -10.02 12.43
CA PHE A 108 9.03 -10.21 11.39
C PHE A 108 9.94 -11.35 11.83
N VAL A 109 10.89 -11.73 10.98
CA VAL A 109 11.85 -12.78 11.31
C VAL A 109 13.24 -12.13 11.50
N ASP A 110 13.90 -12.46 12.63
CA ASP A 110 15.30 -12.05 12.80
C ASP A 110 16.11 -12.92 11.87
N LEU A 111 16.79 -12.31 10.89
CA LEU A 111 17.64 -13.08 9.98
C LEU A 111 18.81 -13.79 10.70
N LYS A 112 19.34 -13.15 11.76
CA LYS A 112 20.43 -13.73 12.56
C LYS A 112 20.06 -15.02 13.30
N THR A 113 18.95 -15.00 14.03
CA THR A 113 18.50 -16.17 14.80
C THR A 113 17.45 -17.02 14.07
N LEU A 114 16.80 -16.44 13.06
CA LEU A 114 15.69 -17.07 12.33
C LEU A 114 14.42 -17.28 13.18
N GLN A 115 14.32 -16.53 14.27
CA GLN A 115 13.16 -16.57 15.15
C GLN A 115 12.18 -15.48 14.76
N PRO A 116 10.88 -15.78 14.87
CA PRO A 116 9.89 -14.72 14.70
C PRO A 116 9.97 -13.73 15.89
N GLU A 117 9.87 -12.45 15.57
CA GLU A 117 10.00 -11.38 16.54
C GLU A 117 8.71 -10.59 16.63
N GLY A 118 8.53 -9.88 17.74
CA GLY A 118 7.41 -8.96 17.93
C GLY A 118 7.86 -7.67 18.59
N PRO A 119 8.20 -6.63 17.77
CA PRO A 119 8.70 -5.30 18.20
C PRO A 119 7.74 -4.41 19.01
N SER A 120 6.43 -4.69 18.94
CA SER A 120 5.42 -3.91 19.66
C SER A 120 4.82 -4.76 20.78
N GLU A 121 5.20 -4.40 22.02
CA GLU A 121 4.88 -5.20 23.21
C GLU A 121 3.40 -5.47 23.42
N LYS A 122 2.60 -4.42 23.30
CA LYS A 122 1.16 -4.55 23.48
C LYS A 122 0.50 -5.28 22.29
N GLU A 123 1.13 -5.23 21.12
CA GLU A 123 0.54 -5.69 19.88
C GLU A 123 1.29 -6.83 19.19
N MET A 124 1.36 -8.00 19.82
CA MET A 124 1.97 -9.15 19.19
C MET A 124 0.92 -9.85 18.31
N VAL A 125 0.56 -9.14 17.23
CA VAL A 125 -0.58 -9.46 16.39
C VAL A 125 -0.20 -9.40 14.90
N HIS A 126 -1.13 -9.89 14.10
CA HIS A 126 -1.08 -9.88 12.63
C HIS A 126 -1.74 -8.60 12.13
N GLU A 127 -1.06 -7.90 11.24
CA GLU A 127 -1.59 -6.67 10.69
C GLU A 127 -1.05 -6.45 9.30
N LEU A 128 -1.96 -6.23 8.35
CA LEU A 128 -1.60 -5.84 6.98
C LEU A 128 -2.34 -4.57 6.58
N LYS A 129 -1.60 -3.57 6.12
CA LYS A 129 -2.16 -2.27 5.74
C LYS A 129 -1.61 -1.87 4.38
N ASN A 130 -2.47 -1.87 3.37
CA ASN A 130 -2.07 -1.63 1.96
C ASN A 130 -0.87 -2.50 1.54
N ALA A 131 -0.86 -3.76 2.00
CA ALA A 131 0.31 -4.62 1.80
C ALA A 131 0.30 -5.30 0.42
N TYR A 132 -0.89 -5.78 0.03
CA TYR A 132 -1.11 -6.49 -1.24
C TYR A 132 -0.02 -7.53 -1.59
N PRO A 133 0.09 -8.61 -0.77
CA PRO A 133 1.11 -9.61 -1.06
C PRO A 133 0.89 -10.29 -2.40
N TYR A 134 1.97 -10.88 -2.90
CA TYR A 134 1.95 -11.56 -4.19
C TYR A 134 1.36 -12.98 -4.06
N TYR A 135 0.06 -13.05 -3.79
CA TYR A 135 -0.68 -14.31 -3.65
C TYR A 135 -0.62 -15.23 -4.86
N ASP A 136 -0.49 -14.68 -6.06
CA ASP A 136 -0.38 -15.53 -7.26
C ASP A 136 0.81 -16.47 -7.16
N LEU A 137 1.95 -15.93 -6.76
CA LEU A 137 3.17 -16.72 -6.50
C LEU A 137 3.00 -17.74 -5.37
N MET A 138 2.49 -17.29 -4.23
CA MET A 138 2.23 -18.18 -3.11
C MET A 138 1.31 -19.35 -3.51
N PHE A 139 0.23 -19.09 -4.27
CA PHE A 139 -0.65 -20.16 -4.76
C PHE A 139 0.09 -21.21 -5.61
N SER A 140 1.06 -20.73 -6.40
CA SER A 140 1.82 -21.60 -7.30
C SER A 140 2.83 -22.48 -6.54
N VAL A 141 3.18 -22.06 -5.32
CA VAL A 141 4.06 -22.82 -4.46
C VAL A 141 3.30 -23.82 -3.60
N ASP A 142 2.23 -23.36 -2.98
CA ASP A 142 1.48 -24.19 -2.05
C ASP A 142 0.11 -23.57 -1.91
N SER A 143 -0.83 -24.04 -2.71
CA SER A 143 -2.20 -23.50 -2.72
C SER A 143 -2.95 -23.71 -1.41
N ASP A 144 -2.69 -24.85 -0.75
CA ASP A 144 -3.36 -25.14 0.52
C ASP A 144 -2.88 -24.20 1.64
N ALA A 145 -1.57 -23.99 1.69
CA ALA A 145 -0.97 -23.11 2.68
C ALA A 145 -1.40 -21.66 2.47
N THR A 146 -1.43 -21.21 1.21
CA THR A 146 -1.94 -19.85 0.85
C THR A 146 -3.42 -19.66 1.17
N ALA A 147 -4.23 -20.66 0.82
CA ALA A 147 -5.68 -20.68 1.14
C ALA A 147 -5.93 -20.61 2.64
N ARG A 148 -5.14 -21.36 3.39
CA ARG A 148 -5.19 -21.37 4.85
C ARG A 148 -4.84 -19.99 5.42
N PHE A 149 -3.82 -19.34 4.85
CA PHE A 149 -3.55 -17.95 5.24
C PHE A 149 -4.75 -17.01 5.06
N ILE A 150 -5.35 -17.03 3.86
CA ILE A 150 -6.36 -16.06 3.48
C ILE A 150 -7.62 -16.24 4.35
N ARG A 151 -8.06 -17.48 4.52
CA ARG A 151 -9.16 -17.83 5.43
C ARG A 151 -8.84 -17.49 6.89
N GLY A 152 -7.60 -17.72 7.33
CA GLY A 152 -7.19 -17.41 8.71
C GLY A 152 -7.09 -15.90 8.95
N PHE A 153 -6.74 -15.17 7.89
CA PHE A 153 -6.72 -13.70 7.84
C PHE A 153 -8.13 -13.14 8.10
N TRP A 154 -9.11 -13.53 7.28
CA TRP A 154 -10.52 -13.17 7.50
C TRP A 154 -11.05 -13.64 8.87
N ASN A 155 -10.70 -14.86 9.26
CA ASN A 155 -11.12 -15.40 10.56
C ASN A 155 -10.65 -14.54 11.73
N ALA A 156 -9.44 -13.99 11.65
CA ALA A 156 -8.89 -13.18 12.74
C ALA A 156 -9.32 -11.71 12.71
N HIS A 157 -9.51 -11.16 11.50
CA HIS A 157 -9.77 -9.73 11.36
C HIS A 157 -11.25 -9.33 11.26
N VAL A 158 -12.14 -10.30 11.03
CA VAL A 158 -13.59 -10.02 11.14
C VAL A 158 -14.04 -10.35 12.57
N TYR A 159 -14.32 -9.30 13.34
CA TYR A 159 -14.78 -9.42 14.75
C TYR A 159 -16.21 -9.91 14.88
N ASP A 160 -17.04 -9.51 13.93
CA ASP A 160 -18.44 -9.89 13.93
C ASP A 160 -18.84 -9.97 12.49
N TRP A 161 -19.07 -11.20 12.02
CA TRP A 161 -19.49 -11.46 10.64
C TRP A 161 -20.92 -10.98 10.32
N ARG A 162 -21.78 -10.95 11.34
CA ARG A 162 -23.19 -10.52 11.15
C ARG A 162 -23.27 -9.12 10.57
N ILE A 163 -22.41 -8.24 11.08
CA ILE A 163 -22.41 -6.82 10.72
C ILE A 163 -21.16 -6.38 9.96
N LEU A 164 -20.20 -7.30 9.76
CA LEU A 164 -18.90 -7.02 9.11
C LEU A 164 -18.08 -5.97 9.84
N GLU A 165 -18.01 -6.13 11.17
CA GLU A 165 -17.11 -5.37 11.99
C GLU A 165 -15.71 -5.95 11.74
N THR A 166 -14.80 -5.12 11.26
CA THR A 166 -13.45 -5.57 10.90
C THR A 166 -12.43 -4.87 11.78
N SER A 167 -11.21 -5.41 11.84
CA SER A 167 -10.13 -4.76 12.57
C SER A 167 -8.83 -4.89 11.82
N ARG A 168 -7.95 -3.91 11.99
CA ARG A 168 -6.61 -3.94 11.42
C ARG A 168 -5.68 -4.93 12.13
N HIS A 169 -6.11 -5.42 13.30
CA HIS A 169 -5.32 -6.38 14.06
C HIS A 169 -6.02 -7.72 14.09
N GLY A 170 -5.23 -8.78 14.06
CA GLY A 170 -5.75 -10.13 14.17
C GLY A 170 -4.87 -10.92 15.10
N GLU A 171 -5.50 -11.70 15.98
CA GLU A 171 -4.78 -12.49 16.97
C GLU A 171 -4.31 -13.80 16.33
N TYR A 172 -3.10 -14.23 16.68
CA TYR A 172 -2.65 -15.58 16.34
C TYR A 172 -3.39 -16.69 17.12
N GLY A 173 -3.35 -17.90 16.58
CA GLY A 173 -3.88 -19.09 17.25
C GLY A 173 -5.36 -19.21 17.47
N LYS A 174 -6.16 -18.48 16.69
CA LYS A 174 -7.62 -18.58 16.83
C LYS A 174 -8.13 -19.84 16.13
N PRO A 175 -9.12 -20.52 16.73
CA PRO A 175 -9.86 -21.56 15.99
C PRO A 175 -10.71 -21.00 14.83
N MET A 176 -10.97 -21.83 13.83
CA MET A 176 -11.78 -21.46 12.68
C MET A 176 -13.27 -21.41 13.05
N GLY A 177 -13.90 -20.29 12.74
CA GLY A 177 -15.35 -20.14 12.97
C GLY A 177 -16.13 -20.37 11.69
N ALA A 178 -17.35 -19.84 11.65
CA ALA A 178 -18.27 -20.11 10.53
C ALA A 178 -17.80 -19.54 9.20
N LEU A 179 -16.85 -18.60 9.26
CA LEU A 179 -16.25 -17.98 8.07
C LEU A 179 -17.30 -17.54 7.05
N TRP A 180 -17.21 -18.01 5.81
CA TRP A 180 -18.08 -17.53 4.72
C TRP A 180 -19.55 -17.93 4.92
N GLU A 181 -19.77 -19.00 5.68
CA GLU A 181 -21.13 -19.49 5.93
C GLU A 181 -21.84 -18.66 7.00
N SER A 182 -21.14 -17.68 7.57
CA SER A 182 -21.71 -16.73 8.55
C SER A 182 -22.91 -15.99 7.96
N LYS A 183 -23.95 -15.77 8.77
CA LYS A 183 -25.12 -15.00 8.31
C LYS A 183 -24.80 -13.52 8.38
N PHE A 184 -25.27 -12.78 7.38
CA PHE A 184 -25.01 -11.35 7.29
C PHE A 184 -26.29 -10.53 7.44
N GLU A 185 -26.25 -9.50 8.29
CA GLU A 185 -27.31 -8.49 8.38
C GLU A 185 -26.73 -7.11 8.09
N GLN A 186 -27.05 -6.56 6.92
CA GLN A 186 -26.61 -5.21 6.53
C GLN A 186 -27.02 -4.12 7.54
N GLN A 187 -26.03 -3.44 8.12
CA GLN A 187 -26.28 -2.36 9.07
C GLN A 187 -26.24 -1.01 8.35
N PRO A 188 -26.88 0.02 8.94
CA PRO A 188 -26.85 1.37 8.35
C PRO A 188 -25.45 1.98 8.47
N PRO A 189 -25.12 2.99 7.63
CA PRO A 189 -23.80 3.63 7.64
C PRO A 189 -23.33 4.08 9.01
N PHE A 190 -22.04 3.89 9.28
CA PHE A 190 -21.37 4.36 10.50
C PHE A 190 -22.01 3.87 11.79
N PHE A 191 -22.45 2.61 11.80
CA PHE A 191 -22.78 1.95 13.06
C PHE A 191 -21.55 1.90 13.96
N ALA A 192 -21.78 1.94 15.28
CA ALA A 192 -20.69 1.99 16.25
C ALA A 192 -20.22 0.58 16.60
N THR A 193 -18.91 0.37 16.51
CA THR A 193 -18.28 -0.93 16.82
C THR A 193 -16.97 -0.67 17.54
N LYS A 194 -16.45 -1.70 18.21
CA LYS A 194 -15.08 -1.64 18.75
C LYS A 194 -14.03 -1.66 17.63
N GLY A 195 -14.18 -2.62 16.70
CA GLY A 195 -13.22 -2.76 15.61
C GLY A 195 -13.24 -1.56 14.69
N LEU A 196 -12.05 -1.07 14.33
CA LEU A 196 -11.88 0.10 13.46
C LEU A 196 -11.65 -0.31 12.00
N SER A 197 -12.68 -0.07 11.18
CA SER A 197 -12.73 -0.56 9.81
C SER A 197 -11.91 0.22 8.77
N PHE A 198 -10.70 0.66 9.14
CA PHE A 198 -9.79 1.38 8.25
C PHE A 198 -9.70 0.69 6.89
N LEU A 199 -9.64 1.47 5.81
CA LEU A 199 -9.63 0.90 4.46
C LEU A 199 -8.25 0.33 4.05
N ASN A 200 -7.18 0.73 4.73
CA ASN A 200 -5.86 0.12 4.43
C ASN A 200 -5.85 -1.40 4.72
N ALA A 201 -6.39 -1.76 5.87
CA ALA A 201 -6.65 -3.16 6.21
C ALA A 201 -7.77 -3.76 5.39
N GLY A 202 -8.83 -2.97 5.16
CA GLY A 202 -9.96 -3.42 4.35
C GLY A 202 -9.52 -3.78 2.94
N ASN A 203 -8.60 -2.99 2.38
CA ASN A 203 -7.99 -3.31 1.09
C ASN A 203 -7.41 -4.71 0.98
N ASP A 204 -6.62 -5.08 2.00
CA ASP A 204 -5.99 -6.39 2.07
C ASP A 204 -6.96 -7.56 2.21
N LEU A 205 -8.03 -7.37 2.96
CA LEU A 205 -9.10 -8.35 3.06
C LEU A 205 -9.81 -8.56 1.72
N ILE A 206 -10.25 -7.47 1.10
CA ILE A 206 -10.92 -7.55 -0.20
C ILE A 206 -10.01 -8.25 -1.23
N TYR A 207 -8.76 -7.80 -1.32
CA TYR A 207 -7.77 -8.32 -2.27
C TYR A 207 -7.50 -9.82 -2.07
N SER A 208 -7.25 -10.22 -0.82
CA SER A 208 -6.96 -11.61 -0.51
C SER A 208 -8.14 -12.52 -0.82
N ALA A 209 -9.35 -12.14 -0.43
CA ALA A 209 -10.55 -12.97 -0.71
C ALA A 209 -10.79 -13.12 -2.21
N SER A 210 -10.57 -12.03 -2.95
CA SER A 210 -10.67 -12.06 -4.41
C SER A 210 -9.64 -13.01 -5.06
N LEU A 211 -8.45 -13.11 -4.46
CA LEU A 211 -7.41 -13.99 -5.00
C LEU A 211 -7.70 -15.46 -4.67
N LEU A 212 -8.30 -15.70 -3.50
CA LEU A 212 -8.82 -17.03 -3.15
C LEU A 212 -9.94 -17.48 -4.12
N TYR A 213 -10.83 -16.55 -4.47
CA TYR A 213 -11.77 -16.81 -5.56
C TYR A 213 -11.08 -17.11 -6.91
N LYS A 214 -10.13 -16.26 -7.29
CA LYS A 214 -9.33 -16.39 -8.53
C LYS A 214 -8.72 -17.79 -8.68
N HIS A 215 -8.07 -18.26 -7.60
CA HIS A 215 -7.35 -19.51 -7.67
C HIS A 215 -8.17 -20.77 -7.36
N GLN A 216 -9.08 -20.70 -6.39
CA GLN A 216 -9.79 -21.90 -5.92
C GLN A 216 -11.28 -21.95 -6.26
N GLN A 217 -11.77 -20.91 -6.94
CA GLN A 217 -13.17 -20.81 -7.34
C GLN A 217 -14.08 -20.78 -6.11
N ASP A 218 -13.58 -20.16 -5.04
CA ASP A 218 -14.28 -20.06 -3.77
C ASP A 218 -15.31 -18.95 -3.85
N GLN A 219 -16.58 -19.34 -3.98
CA GLN A 219 -17.68 -18.40 -4.15
C GLN A 219 -17.99 -17.69 -2.83
N GLY A 220 -17.73 -18.37 -1.72
CA GLY A 220 -17.87 -17.78 -0.41
C GLY A 220 -16.93 -16.59 -0.31
N ALA A 221 -15.69 -16.79 -0.74
CA ALA A 221 -14.67 -15.73 -0.73
C ALA A 221 -15.07 -14.52 -1.58
N LEU A 222 -15.61 -14.76 -2.77
CA LEU A 222 -16.01 -13.66 -3.66
C LEU A 222 -17.21 -12.87 -3.11
N THR A 223 -18.19 -13.59 -2.56
CA THR A 223 -19.36 -12.98 -1.95
C THR A 223 -18.89 -11.98 -0.89
N TRP A 224 -18.08 -12.45 0.06
CA TRP A 224 -17.62 -11.59 1.14
C TRP A 224 -16.66 -10.47 0.68
N ALA A 225 -15.83 -10.72 -0.32
CA ALA A 225 -14.95 -9.68 -0.88
C ALA A 225 -15.77 -8.49 -1.43
N LYS A 226 -16.76 -8.81 -2.25
CA LYS A 226 -17.66 -7.82 -2.84
C LYS A 226 -18.52 -7.12 -1.79
N ARG A 227 -19.01 -7.89 -0.82
CA ARG A 227 -19.75 -7.34 0.31
C ARG A 227 -18.92 -6.33 1.12
N LEU A 228 -17.66 -6.69 1.42
CA LEU A 228 -16.78 -5.77 2.13
C LEU A 228 -16.49 -4.51 1.29
N ALA A 229 -16.26 -4.69 -0.01
CA ALA A 229 -16.03 -3.53 -0.88
C ALA A 229 -17.23 -2.57 -0.77
N ASP A 230 -18.43 -3.14 -0.83
CA ASP A 230 -19.70 -2.41 -0.75
C ASP A 230 -19.91 -1.64 0.54
N GLN A 231 -19.42 -2.20 1.65
CA GLN A 231 -19.43 -1.51 2.95
C GLN A 231 -18.81 -0.11 2.92
N TYR A 232 -17.81 0.09 2.05
CA TYR A 232 -17.14 1.37 1.90
C TYR A 232 -17.83 2.30 0.91
N VAL A 233 -18.82 1.77 0.20
CA VAL A 233 -19.54 2.49 -0.83
C VAL A 233 -20.91 2.94 -0.31
N LEU A 234 -21.55 2.10 0.50
CA LEU A 234 -22.87 2.41 1.07
C LEU A 234 -22.96 3.70 1.92
N PRO A 235 -21.92 4.03 2.72
CA PRO A 235 -21.95 5.27 3.48
C PRO A 235 -21.42 6.51 2.76
N ARG A 236 -21.10 6.41 1.47
CA ARG A 236 -20.65 7.57 0.68
C ARG A 236 -21.72 8.66 0.66
N ASP A 237 -21.30 9.92 0.72
CA ASP A 237 -22.22 11.06 0.81
C ASP A 237 -23.19 11.02 -0.36
N ALA A 238 -24.48 11.08 -0.06
CA ALA A 238 -25.54 10.95 -1.06
C ALA A 238 -25.53 12.11 -2.08
N LYS A 239 -25.08 13.26 -1.61
CA LYS A 239 -24.94 14.46 -2.44
C LYS A 239 -23.57 14.53 -3.17
N THR A 240 -22.46 14.33 -2.47
CA THR A 240 -21.14 14.47 -3.10
C THR A 240 -20.56 13.21 -3.75
N GLY A 241 -20.93 12.03 -3.25
CA GLY A 241 -20.30 10.78 -3.69
C GLY A 241 -18.92 10.51 -3.10
N LEU A 242 -18.47 11.39 -2.20
CA LEU A 242 -17.16 11.26 -1.52
C LEU A 242 -17.17 10.23 -0.38
N GLY A 243 -15.98 9.81 0.02
CA GLY A 243 -15.78 8.78 1.06
C GLY A 243 -15.77 7.35 0.54
N VAL A 244 -15.53 6.36 1.40
CA VAL A 244 -15.24 6.58 2.84
C VAL A 244 -13.98 5.80 3.27
N TYR A 245 -13.27 6.31 4.29
CA TYR A 245 -12.08 5.64 4.81
C TYR A 245 -12.41 4.48 5.77
N GLN A 246 -13.54 4.59 6.45
CA GLN A 246 -14.09 3.50 7.25
C GLN A 246 -15.60 3.61 7.25
N PHE A 247 -16.29 2.48 7.44
CA PHE A 247 -17.75 2.45 7.41
C PHE A 247 -18.43 2.29 8.78
N THR A 248 -17.61 2.26 9.84
CA THR A 248 -18.11 2.20 11.20
C THR A 248 -17.51 3.37 11.96
N GLN A 249 -18.04 3.63 13.15
CA GLN A 249 -17.43 4.58 14.07
C GLN A 249 -17.10 3.87 15.38
N ALA A 250 -16.05 4.33 16.05
CA ALA A 250 -15.62 3.75 17.31
C ALA A 250 -16.75 3.89 18.34
N LEU A 251 -17.03 2.78 19.04
CA LEU A 251 -18.07 2.75 20.07
C LEU A 251 -17.57 3.46 21.32
N LYS A 252 -18.33 4.47 21.75
CA LYS A 252 -18.00 5.23 22.96
C LYS A 252 -18.35 4.40 24.18
N ARG A 253 -17.36 4.14 25.03
CA ARG A 253 -17.60 3.37 26.26
C ARG A 253 -16.97 4.00 27.50
N GLU A 254 -16.25 5.10 27.27
CA GLU A 254 -15.81 6.00 28.32
C GLU A 254 -16.04 7.43 27.86
N GLU A 255 -16.22 8.34 28.81
CA GLU A 255 -16.30 9.77 28.49
C GLU A 255 -14.88 10.33 28.42
N PRO A 256 -14.56 11.06 27.34
CA PRO A 256 -13.24 11.67 27.22
C PRO A 256 -13.03 12.84 28.20
N THR A 257 -11.79 12.97 28.69
CA THR A 257 -11.42 14.06 29.60
C THR A 257 -10.19 14.86 29.11
N ASP A 258 -9.45 14.32 28.13
CA ASP A 258 -8.31 15.03 27.53
C ASP A 258 -8.24 14.90 25.99
N ASP A 259 -8.22 16.06 25.33
CA ASP A 259 -8.21 16.17 23.86
C ASP A 259 -7.12 15.37 23.17
N ALA A 260 -5.92 15.38 23.76
CA ALA A 260 -4.76 14.70 23.19
C ALA A 260 -4.71 13.19 23.47
N ASP A 261 -5.64 12.69 24.30
CA ASP A 261 -5.85 11.25 24.47
C ASP A 261 -6.88 10.77 23.44
N THR A 262 -6.40 10.19 22.35
CA THR A 262 -7.24 9.85 21.22
C THR A 262 -7.51 8.35 21.04
N HIS A 263 -7.51 7.61 22.16
CA HIS A 263 -7.90 6.21 22.15
C HIS A 263 -9.34 6.09 21.68
N SER A 264 -9.59 5.10 20.84
CA SER A 264 -10.89 4.94 20.18
C SER A 264 -12.04 4.63 21.12
N LYS A 265 -11.74 4.21 22.35
CA LYS A 265 -12.79 3.88 23.34
C LYS A 265 -13.60 5.10 23.83
N PHE A 266 -13.07 6.30 23.56
CA PHE A 266 -13.76 7.56 23.86
C PHE A 266 -14.73 8.02 22.77
N GLY A 267 -14.82 7.26 21.68
CA GLY A 267 -15.72 7.58 20.57
C GLY A 267 -14.97 8.07 19.34
N ASP A 268 -15.73 8.38 18.29
CA ASP A 268 -15.16 8.82 17.01
C ASP A 268 -14.29 10.06 17.23
N ARG A 269 -13.07 9.98 16.70
CA ARG A 269 -12.02 10.97 16.96
C ARG A 269 -12.20 12.27 16.16
N ALA A 270 -12.82 12.16 14.98
CA ALA A 270 -13.18 13.32 14.17
C ALA A 270 -14.38 14.04 14.77
N GLN A 271 -15.30 13.29 15.36
CA GLN A 271 -16.45 13.92 16.05
C GLN A 271 -15.99 14.68 17.30
N ARG A 272 -14.95 14.19 17.95
CA ARG A 272 -14.35 14.86 19.10
C ARG A 272 -13.70 16.19 18.71
N GLN A 273 -12.87 16.16 17.66
CA GLN A 273 -12.07 17.32 17.28
C GLN A 273 -12.76 18.31 16.34
N PHE A 274 -13.75 17.84 15.59
CA PHE A 274 -14.41 18.66 14.55
C PHE A 274 -15.89 18.84 14.83
N GLY A 275 -16.48 17.91 15.58
CA GLY A 275 -17.92 17.91 15.87
C GLY A 275 -18.54 19.23 16.34
N PRO A 276 -17.91 19.93 17.31
CA PRO A 276 -18.49 21.18 17.83
C PRO A 276 -18.73 22.26 16.74
N GLU A 277 -17.83 22.37 15.77
CA GLU A 277 -17.97 23.35 14.70
C GLU A 277 -18.62 22.79 13.44
N PHE A 278 -18.54 21.49 13.22
CA PHE A 278 -18.99 20.93 11.95
C PHE A 278 -20.24 20.05 12.04
N GLY A 279 -20.56 19.57 13.24
CA GLY A 279 -21.78 18.79 13.43
C GLY A 279 -21.63 17.30 13.13
N PRO A 280 -22.76 16.57 13.04
CA PRO A 280 -22.79 15.09 12.96
C PRO A 280 -21.97 14.41 11.85
N THR A 281 -21.70 15.10 10.75
CA THR A 281 -20.97 14.44 9.64
C THR A 281 -19.46 14.39 9.80
N ALA A 282 -18.94 15.07 10.82
CA ALA A 282 -17.54 14.91 11.18
C ALA A 282 -17.38 13.55 11.85
N LEU A 283 -16.93 12.60 11.04
CA LEU A 283 -16.73 11.21 11.43
C LEU A 283 -15.49 10.77 10.71
N GLU A 284 -14.68 9.92 11.35
CA GLU A 284 -13.41 9.44 10.79
C GLU A 284 -13.50 8.99 9.32
N GLY A 285 -14.48 8.15 9.01
CA GLY A 285 -14.70 7.65 7.66
C GLY A 285 -14.88 8.74 6.62
N ASN A 286 -15.28 9.93 7.08
CA ASN A 286 -15.55 11.07 6.20
C ASN A 286 -14.41 12.06 6.07
N MET A 287 -13.32 11.85 6.80
CA MET A 287 -12.19 12.78 6.73
C MET A 287 -11.29 12.51 5.52
N MET A 288 -11.58 13.26 4.46
CA MET A 288 -10.84 13.16 3.22
C MET A 288 -9.59 14.00 3.33
N LEU A 289 -8.68 13.48 4.13
CA LEU A 289 -7.42 14.13 4.42
C LEU A 289 -6.27 13.38 3.76
N LYS A 290 -5.15 14.06 3.59
CA LYS A 290 -3.93 13.47 3.03
C LYS A 290 -3.61 12.12 3.70
N GLY A 291 -3.09 11.17 2.92
CA GLY A 291 -2.81 9.80 3.40
C GLY A 291 -4.03 8.91 3.29
N ARG A 292 -5.13 9.33 3.91
CA ARG A 292 -6.40 8.62 3.82
C ARG A 292 -6.89 8.59 2.37
N THR A 293 -6.58 9.65 1.63
CA THR A 293 -7.10 9.77 0.26
C THR A 293 -6.22 8.97 -0.69
N SER A 294 -4.99 8.67 -0.30
CA SER A 294 -4.15 7.73 -1.04
C SER A 294 -4.71 6.32 -0.88
N THR A 295 -4.99 5.94 0.36
CA THR A 295 -5.55 4.63 0.66
C THR A 295 -6.87 4.41 -0.11
N LEU A 296 -7.70 5.46 -0.17
CA LEU A 296 -8.99 5.41 -0.83
C LEU A 296 -8.90 5.53 -2.36
N TYR A 297 -8.18 6.52 -2.86
CA TYR A 297 -8.25 6.87 -4.28
C TYR A 297 -7.01 6.45 -5.09
N SER A 298 -6.04 5.86 -4.40
CA SER A 298 -4.92 5.18 -5.03
C SER A 298 -5.02 3.68 -4.76
N GLU A 299 -4.55 3.23 -3.59
CA GLU A 299 -4.47 1.80 -3.28
C GLU A 299 -5.78 1.06 -3.53
N ASN A 300 -6.88 1.54 -2.96
CA ASN A 300 -8.17 0.87 -3.16
C ASN A 300 -8.59 0.87 -4.62
N ALA A 301 -8.35 2.00 -5.28
CA ALA A 301 -8.74 2.19 -6.68
C ALA A 301 -7.99 1.22 -7.60
N LEU A 302 -6.67 1.15 -7.49
CA LEU A 302 -5.87 0.27 -8.33
C LEU A 302 -6.31 -1.21 -8.25
N MET A 303 -6.55 -1.66 -7.03
CA MET A 303 -6.96 -3.03 -6.79
C MET A 303 -8.36 -3.29 -7.33
N GLN A 304 -9.32 -2.42 -7.05
CA GLN A 304 -10.72 -2.61 -7.47
C GLN A 304 -10.93 -2.48 -8.99
N LEU A 305 -10.15 -1.62 -9.64
CA LEU A 305 -10.18 -1.55 -11.10
C LEU A 305 -9.68 -2.85 -11.72
N GLN A 306 -8.54 -3.36 -11.23
CA GLN A 306 -8.00 -4.64 -11.75
C GLN A 306 -8.94 -5.79 -11.40
N LEU A 307 -9.43 -5.83 -10.16
CA LEU A 307 -10.46 -6.83 -9.81
C LEU A 307 -11.73 -6.74 -10.65
N GLY A 308 -12.28 -5.53 -10.80
CA GLY A 308 -13.46 -5.31 -11.65
C GLY A 308 -13.33 -5.81 -13.07
N LYS A 309 -12.15 -5.62 -13.67
CA LYS A 309 -11.87 -6.10 -15.02
C LYS A 309 -11.80 -7.63 -15.05
N ASP A 310 -11.12 -8.20 -14.05
CA ASP A 310 -10.93 -9.66 -13.94
C ASP A 310 -12.25 -10.41 -13.87
N LEU A 311 -13.24 -9.81 -13.21
CA LEU A 311 -14.51 -10.47 -12.95
C LEU A 311 -15.50 -10.38 -14.10
N GLY A 312 -15.09 -9.73 -15.19
CA GLY A 312 -15.97 -9.56 -16.35
C GLY A 312 -17.31 -8.96 -15.97
N PRO A 313 -18.42 -9.67 -16.25
CA PRO A 313 -19.77 -9.14 -16.03
C PRO A 313 -20.10 -8.85 -14.56
N GLN A 314 -19.62 -9.67 -13.63
CA GLN A 314 -19.92 -9.40 -12.22
C GLN A 314 -18.92 -8.43 -11.56
N GLY A 315 -18.03 -7.85 -12.37
CA GLY A 315 -17.11 -6.82 -11.91
C GLY A 315 -17.59 -5.41 -12.26
N GLN A 316 -18.74 -5.34 -12.93
CA GLN A 316 -19.29 -4.07 -13.41
C GLN A 316 -19.69 -3.10 -12.30
N ASP A 317 -20.24 -3.61 -11.20
CA ASP A 317 -20.54 -2.77 -10.04
C ASP A 317 -19.28 -2.19 -9.39
N LEU A 318 -18.29 -3.06 -9.17
CA LEU A 318 -16.96 -2.68 -8.68
C LEU A 318 -16.31 -1.56 -9.50
N LEU A 319 -16.31 -1.71 -10.82
CA LEU A 319 -15.73 -0.69 -11.69
C LEU A 319 -16.49 0.63 -11.56
N LYS A 320 -17.82 0.56 -11.58
CA LYS A 320 -18.67 1.75 -11.38
C LYS A 320 -18.40 2.43 -10.03
N TRP A 321 -18.44 1.67 -8.93
CA TRP A 321 -18.16 2.25 -7.61
C TRP A 321 -16.83 2.99 -7.63
N THR A 322 -15.82 2.36 -8.23
CA THR A 322 -14.44 2.87 -8.23
C THR A 322 -14.28 4.16 -9.05
N VAL A 323 -14.74 4.14 -10.30
CA VAL A 323 -14.68 5.33 -11.17
C VAL A 323 -15.53 6.50 -10.62
N ASP A 324 -16.70 6.19 -10.09
CA ASP A 324 -17.57 7.21 -9.45
C ASP A 324 -16.90 7.95 -8.29
N GLY A 325 -16.17 7.22 -7.44
CA GLY A 325 -15.41 7.82 -6.35
C GLY A 325 -14.29 8.71 -6.85
N LEU A 326 -13.57 8.26 -7.88
CA LEU A 326 -12.51 9.08 -8.47
C LEU A 326 -13.06 10.37 -9.11
N LYS A 327 -14.22 10.25 -9.74
CA LYS A 327 -14.92 11.43 -10.28
C LYS A 327 -15.27 12.44 -9.17
N ALA A 328 -15.87 11.93 -8.09
CA ALA A 328 -16.25 12.76 -6.95
C ALA A 328 -15.04 13.47 -6.36
N PHE A 329 -13.95 12.74 -6.13
CA PHE A 329 -12.72 13.33 -5.64
C PHE A 329 -12.16 14.44 -6.56
N ALA A 330 -12.20 14.18 -7.86
CA ALA A 330 -11.73 15.15 -8.85
C ALA A 330 -12.65 16.40 -8.91
N LYS A 331 -13.96 16.16 -8.83
CA LYS A 331 -14.99 17.19 -8.85
C LYS A 331 -14.93 18.14 -7.64
N TYR A 332 -14.78 17.58 -6.44
CA TYR A 332 -14.81 18.40 -5.21
C TYR A 332 -13.47 18.88 -4.69
N ALA A 333 -12.45 18.04 -4.81
CA ALA A 333 -11.19 18.29 -4.13
C ALA A 333 -10.04 18.78 -5.01
N TYR A 334 -10.09 18.49 -6.31
CA TYR A 334 -8.98 18.82 -7.18
C TYR A 334 -8.95 20.28 -7.61
N ASN A 335 -7.81 20.93 -7.41
CA ASN A 335 -7.56 22.28 -7.89
C ASN A 335 -6.63 22.25 -9.10
N ASP A 336 -7.25 22.41 -10.27
CA ASP A 336 -6.56 22.47 -11.54
C ASP A 336 -5.45 23.52 -11.60
N GLN A 337 -5.63 24.65 -10.90
CA GLN A 337 -4.69 25.78 -11.02
C GLN A 337 -3.29 25.46 -10.49
N ASP A 338 -3.21 24.73 -9.38
CA ASP A 338 -1.89 24.41 -8.79
C ASP A 338 -1.63 22.92 -8.48
N ASN A 339 -2.42 22.04 -9.09
CA ASN A 339 -2.30 20.58 -8.89
C ASN A 339 -2.31 20.15 -7.42
N THR A 340 -3.35 20.54 -6.70
CA THR A 340 -3.50 20.17 -5.30
C THR A 340 -4.84 19.51 -5.07
N PHE A 341 -4.92 18.72 -4.00
CA PHE A 341 -6.21 18.31 -3.48
C PHE A 341 -6.50 19.10 -2.22
N ARG A 342 -7.76 19.49 -2.06
CA ARG A 342 -8.24 20.16 -0.84
C ARG A 342 -8.49 19.13 0.27
N PRO A 343 -8.03 19.40 1.51
CA PRO A 343 -8.49 18.62 2.67
C PRO A 343 -9.98 18.89 2.82
N MET A 344 -10.77 17.84 2.98
CA MET A 344 -12.21 17.95 2.97
C MET A 344 -12.87 16.98 3.94
N ILE A 345 -14.11 17.29 4.29
CA ILE A 345 -15.02 16.30 4.86
C ILE A 345 -15.88 15.83 3.69
N ALA A 346 -16.32 14.58 3.74
CA ALA A 346 -17.08 13.95 2.65
C ALA A 346 -18.45 14.60 2.36
N ASN A 347 -18.95 15.41 3.29
CA ASN A 347 -20.18 16.18 3.05
C ASN A 347 -20.02 17.29 2.00
N GLY A 348 -18.78 17.49 1.55
CA GLY A 348 -18.45 18.54 0.60
C GLY A 348 -17.77 19.75 1.23
N GLN A 349 -17.56 19.69 2.54
CA GLN A 349 -16.90 20.76 3.27
C GLN A 349 -15.43 20.89 2.94
N ASP A 350 -15.06 22.08 2.44
CA ASP A 350 -13.66 22.44 2.18
C ASP A 350 -12.99 22.76 3.52
N LEU A 351 -11.79 22.21 3.74
CA LEU A 351 -11.03 22.42 4.97
C LEU A 351 -9.72 23.16 4.71
N SER A 352 -9.53 23.66 3.49
CA SER A 352 -8.29 24.36 3.11
C SER A 352 -8.01 25.55 4.03
N ASN A 353 -6.78 25.58 4.55
CA ASN A 353 -6.31 26.58 5.52
C ASN A 353 -7.12 26.69 6.82
N TYR A 354 -7.81 25.62 7.21
CA TYR A 354 -8.51 25.59 8.50
C TYR A 354 -7.53 25.38 9.66
N THR A 355 -7.59 26.25 10.67
CA THR A 355 -6.78 26.09 11.88
C THR A 355 -7.52 25.20 12.89
N LEU A 356 -6.89 24.11 13.31
CA LEU A 356 -7.47 23.26 14.36
C LEU A 356 -7.58 24.04 15.67
N PRO A 357 -8.79 24.10 16.26
CA PRO A 357 -9.08 24.90 17.45
C PRO A 357 -8.87 24.17 18.80
N ARG A 358 -8.62 22.86 18.74
CA ARG A 358 -8.27 22.03 19.91
C ARG A 358 -7.37 20.87 19.47
N ASP A 359 -6.74 20.20 20.44
CA ASP A 359 -5.89 19.05 20.15
C ASP A 359 -6.76 17.85 19.79
N GLY A 360 -6.21 16.92 19.04
CA GLY A 360 -6.92 15.68 18.75
C GLY A 360 -6.17 14.78 17.81
N TYR A 361 -6.88 13.82 17.24
CA TYR A 361 -6.31 12.77 16.40
C TYR A 361 -5.66 13.33 15.12
N TYR A 362 -6.15 14.48 14.66
CA TYR A 362 -5.77 15.04 13.37
C TYR A 362 -4.73 16.15 13.42
N GLY A 363 -4.29 16.49 14.62
CA GLY A 363 -3.19 17.42 14.81
C GLY A 363 -3.35 18.15 16.12
N LYS A 364 -2.32 18.87 16.55
CA LYS A 364 -2.45 19.72 17.73
C LYS A 364 -3.13 21.04 17.37
N LYS A 365 -3.72 21.69 18.36
CA LYS A 365 -4.35 22.99 18.17
C LYS A 365 -3.38 23.91 17.46
N GLY A 366 -3.89 24.67 16.49
CA GLY A 366 -3.06 25.60 15.74
C GLY A 366 -2.45 24.99 14.50
N THR A 367 -2.60 23.68 14.34
CA THR A 367 -2.27 23.01 13.08
C THR A 367 -3.18 23.56 11.99
N VAL A 368 -2.61 23.89 10.85
CA VAL A 368 -3.39 24.35 9.70
C VAL A 368 -3.46 23.24 8.64
N LEU A 369 -4.68 22.84 8.27
CA LEU A 369 -4.84 21.86 7.19
C LEU A 369 -4.76 22.60 5.86
N LYS A 370 -3.77 22.22 5.06
CA LYS A 370 -3.48 22.91 3.80
C LYS A 370 -3.73 22.00 2.58
N PRO A 371 -4.10 22.60 1.43
CA PRO A 371 -4.08 21.84 0.18
C PRO A 371 -2.74 21.12 0.01
N TYR A 372 -2.78 19.93 -0.57
CA TYR A 372 -1.56 19.10 -0.74
C TYR A 372 -1.43 18.66 -2.19
N LYS A 373 -0.19 18.59 -2.68
CA LYS A 373 0.06 18.30 -4.09
C LYS A 373 -0.40 16.91 -4.47
N ALA A 374 -1.02 16.79 -5.64
CA ALA A 374 -1.45 15.50 -6.16
C ALA A 374 -0.24 14.74 -6.68
N GLY A 375 0.16 13.70 -5.95
CA GLY A 375 1.34 12.92 -6.28
C GLY A 375 1.18 12.00 -7.47
N ASN A 376 2.30 11.42 -7.94
CA ASN A 376 2.29 10.57 -9.15
C ASN A 376 1.53 9.25 -9.00
N GLU A 377 1.28 8.83 -7.77
CA GLU A 377 0.47 7.65 -7.53
C GLU A 377 -0.97 7.90 -8.00
N PHE A 378 -1.40 9.16 -7.98
CA PHE A 378 -2.74 9.52 -8.44
C PHE A 378 -2.84 9.60 -9.95
N LEU A 379 -1.71 9.91 -10.60
CA LEU A 379 -1.61 9.88 -12.05
C LEU A 379 -1.99 8.48 -12.55
N ILE A 380 -1.50 7.45 -11.85
CA ILE A 380 -1.86 6.06 -12.18
C ILE A 380 -3.35 5.77 -12.04
N SER A 381 -3.96 6.14 -10.92
CA SER A 381 -5.38 5.80 -10.77
C SER A 381 -6.29 6.55 -11.71
N TYR A 382 -5.96 7.80 -12.04
CA TYR A 382 -6.72 8.57 -13.01
C TYR A 382 -6.51 8.12 -14.46
N ALA A 383 -5.28 7.74 -14.80
CA ALA A 383 -4.97 7.15 -16.09
C ALA A 383 -5.72 5.83 -16.31
N ARG A 384 -5.78 5.01 -15.25
CA ARG A 384 -6.48 3.71 -15.29
C ARG A 384 -8.00 3.82 -15.28
N ALA A 385 -8.52 4.82 -14.56
CA ALA A 385 -9.96 5.08 -14.50
C ALA A 385 -10.44 5.60 -15.86
N TYR A 386 -9.64 6.48 -16.46
CA TYR A 386 -9.96 7.02 -17.79
C TYR A 386 -10.01 5.92 -18.83
N ALA A 387 -9.06 4.96 -18.77
CA ALA A 387 -9.03 3.81 -19.71
C ALA A 387 -10.34 3.01 -19.76
N ILE A 388 -11.06 2.94 -18.65
CA ILE A 388 -12.34 2.23 -18.65
C ILE A 388 -13.54 3.18 -18.84
N ASP A 389 -13.35 4.45 -18.49
CA ASP A 389 -14.39 5.47 -18.65
C ASP A 389 -13.74 6.76 -19.12
N ASN A 390 -13.74 6.97 -20.43
CA ASN A 390 -13.14 8.16 -21.06
C ASN A 390 -13.86 9.47 -20.73
N ASP A 391 -13.92 9.82 -19.45
CA ASP A 391 -14.49 11.09 -18.99
C ASP A 391 -13.42 12.18 -19.02
N PRO A 392 -13.70 13.31 -19.71
CA PRO A 392 -12.78 14.47 -19.66
C PRO A 392 -12.40 14.90 -18.23
N LEU A 393 -13.31 14.71 -17.26
CA LEU A 393 -13.04 15.06 -15.86
C LEU A 393 -11.87 14.24 -15.30
N LEU A 394 -11.83 12.96 -15.65
CA LEU A 394 -10.73 12.07 -15.25
C LEU A 394 -9.44 12.43 -15.98
N TRP A 395 -9.56 12.83 -17.24
CA TRP A 395 -8.40 13.23 -18.04
C TRP A 395 -7.77 14.53 -17.52
N LYS A 396 -8.62 15.45 -17.06
CA LYS A 396 -8.21 16.73 -16.50
C LYS A 396 -7.22 16.57 -15.34
N VAL A 397 -7.53 15.67 -14.42
CA VAL A 397 -6.67 15.42 -13.25
C VAL A 397 -5.32 14.82 -13.66
N ALA A 398 -5.34 13.78 -14.50
CA ALA A 398 -4.11 13.18 -15.03
C ALA A 398 -3.25 14.22 -15.77
N ARG A 399 -3.91 15.01 -16.63
CA ARG A 399 -3.24 16.09 -17.36
C ARG A 399 -2.58 17.11 -16.41
N GLY A 400 -3.32 17.54 -15.39
CA GLY A 400 -2.81 18.46 -14.37
C GLY A 400 -1.63 17.93 -13.55
N ILE A 401 -1.72 16.66 -13.13
CA ILE A 401 -0.62 16.04 -12.38
C ILE A 401 0.65 15.99 -13.23
N ALA A 402 0.54 15.44 -14.44
CA ALA A 402 1.69 15.26 -15.34
C ALA A 402 2.42 16.57 -15.60
N ASN A 403 1.65 17.60 -15.93
CA ASN A 403 2.18 18.95 -16.11
C ASN A 403 3.00 19.43 -14.91
N ASP A 404 2.41 19.32 -13.72
CA ASP A 404 3.07 19.72 -12.47
C ASP A 404 4.35 18.92 -12.16
N GLN A 405 4.45 17.73 -12.75
CA GLN A 405 5.56 16.81 -12.46
C GLN A 405 6.71 16.89 -13.46
N GLY A 406 6.71 17.92 -14.31
CA GLY A 406 7.78 18.13 -15.30
C GLY A 406 7.69 17.24 -16.53
N LEU A 407 6.50 16.67 -16.76
CA LEU A 407 6.28 15.72 -17.86
C LEU A 407 5.73 16.36 -19.13
N GLY A 408 5.33 17.63 -19.02
CA GLY A 408 4.77 18.38 -20.15
C GLY A 408 3.27 18.19 -20.28
N ASP A 409 2.76 18.43 -21.48
CA ASP A 409 1.34 18.30 -21.76
C ASP A 409 1.04 16.95 -22.43
N ILE A 410 0.31 16.08 -21.73
CA ILE A 410 -0.09 14.76 -22.28
C ILE A 410 -1.22 14.92 -23.30
N GLY A 411 -1.78 16.12 -23.39
CA GLY A 411 -2.77 16.46 -24.41
C GLY A 411 -4.09 16.87 -23.81
N THR A 412 -4.97 17.41 -24.66
CA THR A 412 -6.33 17.78 -24.28
C THR A 412 -7.21 16.54 -24.16
N ALA A 413 -6.74 15.46 -24.77
CA ALA A 413 -7.37 14.15 -24.74
C ALA A 413 -6.27 13.23 -25.27
N PRO A 414 -6.36 11.91 -24.99
CA PRO A 414 -5.26 11.05 -25.48
C PRO A 414 -4.99 11.21 -26.97
N GLY A 415 -3.77 11.60 -27.31
CA GLY A 415 -3.33 11.73 -28.70
C GLY A 415 -3.60 13.07 -29.36
N LYS A 416 -4.39 13.91 -28.70
CA LYS A 416 -4.76 15.23 -29.22
C LYS A 416 -3.89 16.31 -28.59
N GLU A 417 -3.14 17.03 -29.42
CA GLU A 417 -2.28 18.15 -28.97
C GLU A 417 -1.26 17.76 -27.89
N VAL A 418 -0.64 16.61 -28.06
CA VAL A 418 0.33 16.10 -27.07
C VAL A 418 1.65 16.85 -27.22
N LYS A 419 2.09 17.45 -26.12
CA LYS A 419 3.41 18.08 -26.07
C LYS A 419 4.10 17.66 -24.77
N VAL A 420 4.51 16.40 -24.70
CA VAL A 420 5.21 15.92 -23.52
C VAL A 420 6.62 16.46 -23.52
N ASN A 421 7.25 16.44 -22.36
CA ASN A 421 8.58 17.00 -22.17
C ASN A 421 9.65 15.90 -22.19
N MET A 422 10.23 15.68 -23.37
CA MET A 422 11.19 14.60 -23.57
C MET A 422 12.52 14.80 -22.88
N ASP A 423 12.75 16.01 -22.36
CA ASP A 423 13.95 16.30 -21.58
C ASP A 423 13.66 16.39 -20.07
N THR A 424 12.59 15.71 -19.62
CA THR A 424 12.23 15.68 -18.20
C THR A 424 13.34 15.09 -17.32
N THR A 425 13.44 15.58 -16.09
CA THR A 425 14.37 15.00 -15.11
C THR A 425 13.64 14.05 -14.14
N ASN A 426 12.33 13.94 -14.31
CA ASN A 426 11.49 13.08 -13.47
C ASN A 426 12.02 11.65 -13.45
N SER A 427 12.22 11.12 -12.24
CA SER A 427 12.68 9.74 -12.10
C SER A 427 11.75 8.94 -11.19
N ASP A 428 10.47 9.31 -11.19
CA ASP A 428 9.49 8.72 -10.29
C ASP A 428 8.90 7.45 -10.92
N PRO A 429 9.15 6.26 -10.31
CA PRO A 429 8.56 5.00 -10.81
C PRO A 429 7.04 5.05 -11.00
N TYR A 430 6.30 5.73 -10.09
CA TYR A 430 4.86 5.97 -10.28
C TYR A 430 4.49 6.65 -11.59
N ALA A 431 5.29 7.63 -11.99
CA ALA A 431 5.07 8.34 -13.25
C ALA A 431 5.33 7.43 -14.45
N LEU A 432 6.36 6.60 -14.34
CA LEU A 432 6.68 5.62 -15.39
C LEU A 432 5.48 4.68 -15.57
N PHE A 433 5.09 4.01 -14.49
CA PHE A 433 3.89 3.17 -14.44
C PHE A 433 2.64 3.81 -15.13
N ALA A 434 2.29 5.03 -14.74
CA ALA A 434 1.11 5.73 -15.30
C ALA A 434 1.24 6.05 -16.79
N LEU A 435 2.45 6.37 -17.25
CA LEU A 435 2.69 6.60 -18.66
C LEU A 435 2.52 5.32 -19.49
N LEU A 436 2.99 4.20 -18.93
CA LEU A 436 2.74 2.89 -19.53
C LEU A 436 1.25 2.56 -19.60
N ASP A 437 0.47 2.93 -18.58
CA ASP A 437 -1.00 2.83 -18.66
C ASP A 437 -1.61 3.71 -19.75
N LEU A 438 -1.22 4.98 -19.78
CA LEU A 438 -1.65 5.89 -20.84
C LEU A 438 -1.31 5.33 -22.23
N TYR A 439 -0.08 4.82 -22.39
CA TYR A 439 0.31 4.21 -23.65
C TYR A 439 -0.57 3.01 -24.01
N HIS A 440 -0.80 2.12 -23.04
CA HIS A 440 -1.54 0.89 -23.34
C HIS A 440 -2.92 1.15 -23.92
N ALA A 441 -3.64 2.11 -23.34
CA ALA A 441 -5.02 2.39 -23.74
C ALA A 441 -5.12 3.09 -25.08
N SER A 442 -4.11 3.90 -25.41
CA SER A 442 -4.20 4.83 -26.54
C SER A 442 -3.27 4.50 -27.67
N GLN A 443 -2.20 3.77 -27.34
CA GLN A 443 -1.12 3.45 -28.28
C GLN A 443 -0.37 4.67 -28.85
N VAL A 444 -0.47 5.80 -28.14
CA VAL A 444 0.25 7.01 -28.49
C VAL A 444 1.73 6.85 -28.10
N ALA A 445 2.58 6.77 -29.12
CA ALA A 445 4.01 6.47 -28.98
C ALA A 445 4.75 7.36 -27.98
N ASP A 446 4.40 8.65 -27.99
CA ASP A 446 5.00 9.67 -27.13
C ASP A 446 4.90 9.35 -25.64
N TYR A 447 3.82 8.70 -25.22
CA TYR A 447 3.69 8.32 -23.82
C TYR A 447 4.73 7.28 -23.43
N ARG A 448 5.00 6.34 -24.33
CA ARG A 448 5.97 5.29 -24.03
C ARG A 448 7.40 5.79 -24.18
N LYS A 449 7.62 6.69 -25.13
CA LYS A 449 8.94 7.33 -25.26
C LYS A 449 9.24 8.19 -24.03
N LEU A 450 8.24 8.88 -23.52
CA LEU A 450 8.38 9.56 -22.21
C LEU A 450 8.70 8.60 -21.05
N ALA A 451 8.01 7.45 -21.01
CA ALA A 451 8.27 6.39 -20.01
C ALA A 451 9.69 5.85 -20.08
N GLU A 452 10.23 5.78 -21.29
CA GLU A 452 11.62 5.35 -21.52
C GLU A 452 12.62 6.35 -20.94
N LYS A 453 12.33 7.63 -21.15
CA LYS A 453 13.05 8.73 -20.54
C LYS A 453 13.07 8.67 -18.99
N ILE A 454 11.92 8.44 -18.37
CA ILE A 454 11.84 8.30 -16.91
C ILE A 454 12.67 7.11 -16.41
N GLY A 455 12.62 6.01 -17.15
CA GLY A 455 13.44 4.82 -16.88
C GLY A 455 14.93 5.06 -16.93
N ASP A 456 15.39 5.77 -17.97
CA ASP A 456 16.77 6.23 -18.06
C ASP A 456 17.12 7.15 -16.89
N ASN A 457 16.21 8.06 -16.54
CA ASN A 457 16.40 8.93 -15.36
C ASN A 457 16.53 8.14 -14.05
N ILE A 458 15.69 7.11 -13.88
CA ILE A 458 15.76 6.21 -12.72
C ILE A 458 17.14 5.56 -12.64
N ILE A 459 17.58 5.00 -13.76
CA ILE A 459 18.92 4.38 -13.83
C ILE A 459 20.02 5.40 -13.55
N LYS A 460 20.00 6.54 -14.25
CA LYS A 460 21.04 7.55 -14.05
C LYS A 460 21.11 8.09 -12.61
N ILE A 461 19.98 8.47 -12.04
CA ILE A 461 20.00 9.13 -10.72
C ILE A 461 19.68 8.26 -9.47
N ARG A 462 18.94 7.15 -9.64
CA ARG A 462 18.50 6.35 -8.49
C ARG A 462 19.22 5.01 -8.37
N TYR A 463 19.95 4.63 -9.41
CA TYR A 463 20.75 3.41 -9.33
C TYR A 463 22.15 3.74 -8.76
N ILE A 464 22.40 3.33 -7.52
CA ILE A 464 23.55 3.81 -6.72
C ILE A 464 24.11 2.67 -5.90
N ASP A 465 25.40 2.40 -6.09
CA ASP A 465 26.10 1.33 -5.37
C ASP A 465 25.37 0.00 -5.55
N GLY A 466 24.80 -0.20 -6.74
CA GLY A 466 24.11 -1.44 -7.08
C GLY A 466 22.72 -1.60 -6.49
N PHE A 467 22.21 -0.54 -5.86
CA PHE A 467 20.86 -0.55 -5.31
C PHE A 467 20.02 0.58 -5.88
N PHE A 468 18.73 0.60 -5.56
CA PHE A 468 17.87 1.72 -5.91
C PHE A 468 17.48 2.51 -4.65
N MET A 469 17.72 3.82 -4.69
CA MET A 469 17.42 4.72 -3.57
C MET A 469 16.83 6.01 -4.08
N ALA A 470 15.84 6.56 -3.35
CA ALA A 470 15.17 7.80 -3.77
C ALA A 470 16.08 9.01 -3.68
N SER A 471 17.14 8.88 -2.88
CA SER A 471 18.16 9.93 -2.76
C SER A 471 19.54 9.32 -2.52
N SER A 472 20.55 9.97 -3.08
CA SER A 472 21.93 9.49 -2.96
C SER A 472 22.47 9.57 -1.52
N ASP A 473 21.77 10.34 -0.67
CA ASP A 473 22.18 10.52 0.72
C ASP A 473 21.56 9.51 1.72
N ARG A 474 20.55 8.75 1.27
CA ARG A 474 19.86 7.80 2.15
CA ARG A 474 19.86 7.78 2.14
C ARG A 474 20.83 6.77 2.73
N GLN A 475 20.66 6.46 4.01
CA GLN A 475 21.53 5.50 4.67
C GLN A 475 21.29 4.07 4.15
N TYR A 476 20.03 3.67 4.06
CA TYR A 476 19.68 2.30 3.66
C TYR A 476 18.83 2.26 2.40
N ALA A 477 19.16 1.28 1.55
CA ALA A 477 18.32 0.92 0.40
C ALA A 477 17.30 -0.12 0.84
N ASP A 478 16.09 0.01 0.30
CA ASP A 478 15.02 -0.94 0.53
C ASP A 478 15.00 -1.96 -0.61
N VAL A 479 15.21 -3.24 -0.30
CA VAL A 479 15.10 -4.33 -1.30
C VAL A 479 13.72 -4.43 -1.97
N ASP A 480 12.72 -3.78 -1.38
CA ASP A 480 11.36 -3.72 -1.94
C ASP A 480 11.13 -2.48 -2.82
N ALA A 481 12.20 -1.80 -3.20
CA ALA A 481 12.11 -0.61 -4.06
C ALA A 481 11.35 -0.91 -5.33
N ILE A 482 10.49 0.04 -5.75
CA ILE A 482 9.66 -0.16 -6.95
C ILE A 482 10.26 0.37 -8.24
N GLU A 483 11.41 1.03 -8.14
CA GLU A 483 12.17 1.45 -9.32
C GLU A 483 12.42 0.30 -10.32
N PRO A 484 12.97 -0.85 -9.85
CA PRO A 484 13.13 -2.03 -10.73
C PRO A 484 11.82 -2.61 -11.26
N TYR A 485 10.73 -2.47 -10.50
CA TYR A 485 9.42 -2.98 -10.91
C TYR A 485 8.94 -2.18 -12.11
N ALA A 486 9.04 -0.85 -12.03
CA ALA A 486 8.66 0.03 -13.14
C ALA A 486 9.54 -0.23 -14.38
N LEU A 487 10.84 -0.41 -14.18
CA LEU A 487 11.75 -0.80 -15.28
C LEU A 487 11.33 -2.11 -15.99
N LEU A 488 10.90 -3.10 -15.22
CA LEU A 488 10.41 -4.38 -15.79
C LEU A 488 9.07 -4.25 -16.52
N ALA A 489 8.17 -3.43 -15.98
CA ALA A 489 6.90 -3.12 -16.63
C ALA A 489 7.13 -2.48 -18.01
N LEU A 490 8.10 -1.57 -18.10
CA LEU A 490 8.50 -0.97 -19.37
C LEU A 490 9.09 -1.98 -20.36
N GLU A 491 10.02 -2.81 -19.88
CA GLU A 491 10.59 -3.90 -20.68
C GLU A 491 9.48 -4.83 -21.22
N ALA A 492 8.50 -5.17 -20.38
CA ALA A 492 7.38 -6.05 -20.76
C ALA A 492 6.48 -5.46 -21.84
N SER A 493 6.20 -4.16 -21.75
CA SER A 493 5.43 -3.43 -22.77
C SER A 493 6.16 -3.46 -24.13
N LEU A 494 7.44 -3.08 -24.13
CA LEU A 494 8.26 -3.02 -25.34
C LEU A 494 8.45 -4.39 -26.00
N ARG A 495 8.50 -5.44 -25.18
CA ARG A 495 8.60 -6.83 -25.66
C ARG A 495 7.25 -7.44 -26.01
N ASN A 496 6.18 -6.66 -25.79
CA ASN A 496 4.81 -7.10 -26.04
C ASN A 496 4.38 -8.28 -25.13
N LYS A 497 4.83 -8.26 -23.88
CA LYS A 497 4.57 -9.33 -22.90
C LYS A 497 4.13 -8.73 -21.56
N PRO A 498 3.08 -7.89 -21.54
CA PRO A 498 2.81 -7.17 -20.28
C PRO A 498 2.50 -8.11 -19.11
N GLN A 499 1.85 -9.24 -19.42
CA GLN A 499 1.59 -10.34 -18.49
C GLN A 499 2.82 -11.08 -17.88
N ALA A 500 4.03 -10.71 -18.31
CA ALA A 500 5.25 -11.28 -17.74
C ALA A 500 5.58 -10.66 -16.38
N VAL A 501 4.96 -9.52 -16.10
CA VAL A 501 5.12 -8.80 -14.83
C VAL A 501 3.75 -8.58 -14.16
N ALA A 502 3.65 -8.97 -12.88
CA ALA A 502 2.40 -8.81 -12.11
C ALA A 502 1.84 -7.38 -12.17
N PRO A 503 0.49 -7.24 -12.19
CA PRO A 503 -0.05 -5.88 -12.20
C PRO A 503 0.31 -5.13 -10.91
N PHE A 504 0.64 -3.86 -11.06
CA PHE A 504 1.15 -3.05 -9.97
C PHE A 504 0.00 -2.39 -9.22
N LEU A 505 -0.09 -2.67 -7.92
CA LEU A 505 -1.22 -2.22 -7.13
C LEU A 505 -0.77 -1.27 -6.03
N ASN A 506 0.49 -0.87 -6.06
CA ASN A 506 1.04 0.05 -5.08
C ASN A 506 0.89 -0.48 -3.65
N GLY A 507 1.23 -1.75 -3.46
CA GLY A 507 1.34 -2.33 -2.13
C GLY A 507 2.72 -2.06 -1.57
N ALA A 508 2.87 -2.16 -0.25
CA ALA A 508 4.14 -2.00 0.43
C ALA A 508 4.00 -2.53 1.86
N GLY A 509 5.12 -2.87 2.49
CA GLY A 509 5.10 -3.41 3.83
C GLY A 509 5.68 -2.44 4.85
N PHE A 510 5.49 -2.74 6.12
CA PHE A 510 5.95 -1.88 7.21
C PHE A 510 6.06 -2.70 8.48
N THR A 511 6.92 -2.24 9.38
CA THR A 511 7.13 -2.83 10.68
C THR A 511 7.10 -1.68 11.68
N GLU A 512 6.48 -1.92 12.84
CA GLU A 512 6.25 -0.87 13.80
C GLU A 512 6.38 -1.44 15.22
N GLY A 513 7.03 -0.68 16.09
CA GLY A 513 7.23 -1.11 17.48
C GLY A 513 8.08 -0.15 18.29
N ALA A 514 8.50 -0.59 19.48
CA ALA A 514 9.45 0.15 20.30
C ALA A 514 10.88 -0.10 19.80
N TYR A 515 11.63 0.99 19.62
CA TYR A 515 12.97 0.93 19.07
C TYR A 515 13.89 1.64 20.04
N ARG A 516 14.95 0.96 20.46
CA ARG A 516 15.84 1.49 21.48
C ARG A 516 16.79 2.50 20.88
N MET A 517 16.70 3.74 21.37
CA MET A 517 17.53 4.84 20.92
C MET A 517 18.98 4.69 21.37
N ASP A 518 19.86 5.50 20.78
CA ASP A 518 21.29 5.48 21.13
C ASP A 518 21.58 5.97 22.55
N ASP A 519 20.57 6.56 23.21
CA ASP A 519 20.68 6.94 24.63
C ASP A 519 20.04 5.92 25.59
N GLY A 520 19.73 4.73 25.07
CA GLY A 520 19.19 3.63 25.86
C GLY A 520 17.70 3.67 26.19
N SER A 521 17.00 4.73 25.80
CA SER A 521 15.56 4.81 26.06
C SER A 521 14.71 4.25 24.91
N ALA A 522 13.44 3.98 25.21
CA ALA A 522 12.50 3.41 24.25
C ALA A 522 11.82 4.47 23.37
N ARG A 523 11.97 4.36 22.06
CA ARG A 523 11.22 5.21 21.14
C ARG A 523 9.99 4.47 20.63
N VAL A 524 8.85 4.76 21.25
CA VAL A 524 7.58 4.09 20.91
C VAL A 524 7.11 4.49 19.52
N SER A 525 6.35 3.57 18.89
CA SER A 525 5.73 3.80 17.59
C SER A 525 6.74 4.12 16.48
N THR A 526 7.92 3.48 16.57
CA THR A 526 8.92 3.63 15.52
C THR A 526 8.55 2.74 14.35
N ARG A 527 8.65 3.30 13.15
CA ARG A 527 8.41 2.55 11.91
C ARG A 527 9.70 2.36 11.11
N ASP A 528 9.81 1.21 10.45
CA ASP A 528 10.91 1.02 9.50
C ASP A 528 10.88 2.07 8.38
N ASN A 529 9.70 2.57 8.02
CA ASN A 529 9.57 3.73 7.12
C ASN A 529 10.50 4.89 7.51
N GLU A 530 10.55 5.17 8.82
CA GLU A 530 11.39 6.25 9.33
C GLU A 530 12.87 5.94 9.16
N LEU A 531 13.23 4.67 9.31
CA LEU A 531 14.63 4.23 9.15
C LEU A 531 15.10 4.40 7.69
N PHE A 532 14.21 4.12 6.74
CA PHE A 532 14.51 4.26 5.31
C PHE A 532 14.53 5.71 4.84
N LEU A 533 14.01 6.63 5.65
CA LEU A 533 14.08 8.07 5.35
C LEU A 533 15.32 8.76 5.90
N LEU A 534 16.04 8.09 6.81
CA LEU A 534 17.28 8.65 7.35
C LEU A 534 18.37 8.78 6.28
N ASN A 535 19.04 9.93 6.29
CA ASN A 535 20.24 10.16 5.49
C ASN A 535 21.51 9.85 6.30
N VAL A 536 22.68 9.90 5.68
CA VAL A 536 23.93 9.58 6.40
C VAL A 536 24.11 10.62 7.54
N GLY A 537 24.43 10.16 8.74
CA GLY A 537 24.65 11.06 9.88
C GLY A 537 23.40 11.52 10.65
N GLU A 538 22.23 11.08 10.19
CA GLU A 538 20.96 11.41 10.83
C GLU A 538 20.56 10.28 11.75
N LYS A 539 19.96 10.64 12.88
CA LYS A 539 19.41 9.66 13.83
C LYS A 539 17.91 9.88 13.94
N LEU A 540 17.19 8.85 14.38
CA LEU A 540 15.75 8.99 14.60
C LEU A 540 15.47 10.14 15.56
N GLN A 541 14.48 10.95 15.21
CA GLN A 541 14.09 12.08 16.04
C GLN A 541 12.96 11.66 16.97
N PRO A 542 13.17 11.79 18.31
CA PRO A 542 12.14 11.66 19.35
C PRO A 542 10.78 12.15 18.86
N ASN A 543 9.74 11.33 19.06
CA ASN A 543 8.46 11.53 18.38
C ASN A 543 7.31 11.91 19.32
C1 ADA B . -3.56 3.79 17.85
C2 ADA B . -4.54 4.74 17.13
C3 ADA B . -5.22 4.03 15.94
C4 ADA B . -4.16 3.41 15.01
C5 ADA B . -3.15 2.51 15.81
C6 ADA B . -2.13 1.72 14.93
O1 ADA B . -4.33 2.71 18.49
O2 ADA B . -5.51 5.24 18.05
O3 ADA B . -6.04 4.94 15.20
O4 ADA B . -3.53 4.54 14.37
O5 ADA B . -2.53 3.31 16.90
O6B ADA B . -2.60 0.92 14.10
O6A ADA B . -0.90 1.94 15.07
C1 ADA B . -2.65 4.20 13.30
C2 ADA B . -1.79 5.45 13.10
C3 ADA B . -2.62 6.53 12.41
C4 ADA B . -3.29 5.98 11.12
C5 ADA B . -4.15 4.77 11.46
C6 ADA B . -4.70 4.21 10.14
O2 ADA B . -1.31 5.93 14.36
O3 ADA B . -1.79 7.66 12.12
O4 ADA B . -2.47 5.28 10.18
O5 ADA B . -3.38 3.72 12.11
O6B ADA B . -4.25 3.11 9.73
O6A ADA B . -5.57 4.90 9.56
C1 GTR B . -1.52 6.02 9.45
C2 GTR B . -0.84 5.17 8.36
C3 GTR B . 0.51 5.84 8.07
C4 GTR B . 0.34 7.37 7.87
C5 GTR B . -0.66 7.98 8.91
C6 GTR B . -0.85 9.52 8.87
O2 GTR B . -0.69 3.80 8.78
O3 GTR B . 1.13 5.22 6.94
O4 GTR B . -0.07 7.68 6.53
O5 GTR B . -1.95 7.27 8.87
O6A GTR B . -1.55 10.02 7.96
O6B GTR B . -0.30 10.17 9.79
#